data_8T82
# 
_entry.id   8T82 
# 
_audit_conform.dict_name       mmcif_pdbx.dic 
_audit_conform.dict_version    5.382 
_audit_conform.dict_location   http://mmcif.pdb.org/dictionaries/ascii/mmcif_pdbx.dic 
# 
loop_
_database_2.database_id 
_database_2.database_code 
_database_2.pdbx_database_accession 
_database_2.pdbx_DOI 
PDB   8T82         pdb_00008t82 10.2210/pdb8t82/pdb 
WWPDB D_1000275451 ?            ?                   
# 
_pdbx_database_status.status_code                     REL 
_pdbx_database_status.status_code_sf                  REL 
_pdbx_database_status.status_code_mr                  ? 
_pdbx_database_status.entry_id                        8T82 
_pdbx_database_status.recvd_initial_deposition_date   2023-06-21 
_pdbx_database_status.SG_entry                        N 
_pdbx_database_status.deposit_site                    RCSB 
_pdbx_database_status.process_site                    RCSB 
_pdbx_database_status.status_code_cs                  ? 
_pdbx_database_status.status_code_nmr_data            ? 
_pdbx_database_status.methods_development_category    ? 
_pdbx_database_status.pdb_format_compatible           Y 
# 
loop_
_audit_author.name 
_audit_author.pdbx_ordinal 
_audit_author.identifier_ORCID 
'Sawaya, M.R.'   1 0000-0003-0874-9043 
'Raskatov, J.A.' 2 0000-0002-0082-9113 
'Hazari, A.'     3 0009-0005-2071-1322 
# 
_citation.abstract                  ? 
_citation.abstract_id_CAS           ? 
_citation.book_id_ISBN              ? 
_citation.book_publisher            ? 
_citation.book_publisher_city       ? 
_citation.book_title                ? 
_citation.coordinate_linkage        ? 
_citation.country                   US 
_citation.database_id_Medline       ? 
_citation.details                   ? 
_citation.id                        primary 
_citation.journal_abbrev            J.Am.Chem.Soc. 
_citation.journal_id_ASTM           JACSAT 
_citation.journal_id_CSD            ? 
_citation.journal_id_ISSN           1520-5126 
_citation.journal_full              ? 
_citation.journal_issue             ? 
_citation.journal_volume            145 
_citation.language                  ? 
_citation.page_first                25917 
_citation.page_last                 25926 
_citation.title                     
'Racemic Peptides from Amyloid beta and Amylin Form Rippled beta-Sheets Rather Than Pleated beta-Sheets.' 
_citation.year                      2023 
_citation.database_id_CSD           ? 
_citation.pdbx_database_id_DOI      10.1021/jacs.3c11712 
_citation.pdbx_database_id_PubMed   37972334 
_citation.pdbx_database_id_patent   ? 
_citation.unpublished_flag          ? 
# 
loop_
_citation_author.citation_id 
_citation_author.name 
_citation_author.ordinal 
_citation_author.identifier_ORCID 
primary 'Hazari, A.'     1 ? 
primary 'Sawaya, M.R.'   2 ? 
primary 'Sajimon, M.'    3 ? 
primary 'Vlahakis, N.'   4 ? 
primary 'Rodriguez, J.'  5 ? 
primary 'Eisenberg, D.'  6 ? 
primary 'Raskatov, J.A.' 7 ? 
# 
_cell.angle_alpha                  90.000 
_cell.angle_alpha_esd              ? 
_cell.angle_beta                   98.400 
_cell.angle_beta_esd               ? 
_cell.angle_gamma                  90.000 
_cell.angle_gamma_esd              ? 
_cell.entry_id                     8T82 
_cell.details                      ? 
_cell.formula_units_Z              ? 
_cell.length_a                     9.560 
_cell.length_a_esd                 ? 
_cell.length_b                     18.570 
_cell.length_b_esd                 ? 
_cell.length_c                     20.830 
_cell.length_c_esd                 ? 
_cell.volume                       3658.263 
_cell.volume_esd                   ? 
_cell.Z_PDB                        4 
_cell.reciprocal_angle_alpha       ? 
_cell.reciprocal_angle_beta        ? 
_cell.reciprocal_angle_gamma       ? 
_cell.reciprocal_angle_alpha_esd   ? 
_cell.reciprocal_angle_beta_esd    ? 
_cell.reciprocal_angle_gamma_esd   ? 
_cell.reciprocal_length_a          ? 
_cell.reciprocal_length_b          ? 
_cell.reciprocal_length_c          ? 
_cell.reciprocal_length_a_esd      ? 
_cell.reciprocal_length_b_esd      ? 
_cell.reciprocal_length_c_esd      ? 
_cell.pdbx_unique_axis             ? 
_cell.pdbx_esd_method              ? 
# 
_symmetry.entry_id                         8T82 
_symmetry.cell_setting                     ? 
_symmetry.Int_Tables_number                14 
_symmetry.space_group_name_Hall            '-P 2ybc' 
_symmetry.space_group_name_H-M             'P 1 21/c 1' 
_symmetry.pdbx_full_space_group_name_H-M   ? 
# 
loop_
_entity.id 
_entity.type 
_entity.src_method 
_entity.pdbx_description 
_entity.formula_weight 
_entity.pdbx_number_of_molecules 
_entity.pdbx_ec 
_entity.pdbx_mutation 
_entity.pdbx_fragment 
_entity.details 
1 polymer     syn 'amyloid beta segment 35-MVGGVV-40, racemic mixture' 560.707 1 ? ? ? ? 
2 non-polymer syn 'pentafluoropropanoic acid'                          164.031 1 ? ? ? ? 
3 water       nat water                                                18.015  1 ? ? ? ? 
# 
_entity_poly.entity_id                      1 
_entity_poly.type                           'polypeptide(L)' 
_entity_poly.nstd_linkage                   no 
_entity_poly.nstd_monomer                   no 
_entity_poly.pdbx_seq_one_letter_code       MVGGVV 
_entity_poly.pdbx_seq_one_letter_code_can   MVGGVV 
_entity_poly.pdbx_strand_id                 A 
_entity_poly.pdbx_target_identifier         ? 
# 
loop_
_entity_poly_seq.entity_id 
_entity_poly_seq.num 
_entity_poly_seq.mon_id 
_entity_poly_seq.hetero 
1 1 MET n 
1 2 VAL n 
1 3 GLY n 
1 4 GLY n 
1 5 VAL n 
1 6 VAL n 
# 
_pdbx_entity_src_syn.entity_id              1 
_pdbx_entity_src_syn.pdbx_src_id            1 
_pdbx_entity_src_syn.pdbx_alt_source_flag   sample 
_pdbx_entity_src_syn.pdbx_beg_seq_num       1 
_pdbx_entity_src_syn.pdbx_end_seq_num       6 
_pdbx_entity_src_syn.organism_scientific    'Homo sapiens' 
_pdbx_entity_src_syn.organism_common_name   human 
_pdbx_entity_src_syn.ncbi_taxonomy_id       9606 
_pdbx_entity_src_syn.details                ? 
# 
_struct_ref.id                         1 
_struct_ref.db_name                    PDB 
_struct_ref.db_code                    8T82 
_struct_ref.pdbx_db_accession          8T82 
_struct_ref.pdbx_db_isoform            ? 
_struct_ref.entity_id                  1 
_struct_ref.pdbx_seq_one_letter_code   ? 
_struct_ref.pdbx_align_begin           1 
# 
_struct_ref_seq.align_id                      1 
_struct_ref_seq.ref_id                        1 
_struct_ref_seq.pdbx_PDB_id_code              8T82 
_struct_ref_seq.pdbx_strand_id                A 
_struct_ref_seq.seq_align_beg                 1 
_struct_ref_seq.pdbx_seq_align_beg_ins_code   ? 
_struct_ref_seq.seq_align_end                 6 
_struct_ref_seq.pdbx_seq_align_end_ins_code   ? 
_struct_ref_seq.pdbx_db_accession             8T82 
_struct_ref_seq.db_align_beg                  35 
_struct_ref_seq.pdbx_db_align_beg_ins_code    ? 
_struct_ref_seq.db_align_end                  40 
_struct_ref_seq.pdbx_db_align_end_ins_code    ? 
_struct_ref_seq.pdbx_auth_seq_align_beg       35 
_struct_ref_seq.pdbx_auth_seq_align_end       40 
# 
loop_
_chem_comp.id 
_chem_comp.type 
_chem_comp.mon_nstd_flag 
_chem_comp.name 
_chem_comp.pdbx_synonyms 
_chem_comp.formula 
_chem_comp.formula_weight 
GLY 'peptide linking'   y GLYCINE                     ? 'C2 H5 N O2'    75.067  
HOH non-polymer         . WATER                       ? 'H2 O'          18.015  
MET 'L-peptide linking' y METHIONINE                  ? 'C5 H11 N O2 S' 149.211 
VAL 'L-peptide linking' y VALINE                      ? 'C5 H11 N O2'   117.146 
YWK non-polymer         . 'pentafluoropropanoic acid' ? 'C3 H F5 O2'    164.031 
# 
_exptl.absorpt_coefficient_mu     ? 
_exptl.absorpt_correction_T_max   ? 
_exptl.absorpt_correction_T_min   ? 
_exptl.absorpt_correction_type    ? 
_exptl.absorpt_process_details    ? 
_exptl.entry_id                   8T82 
_exptl.crystals_number            1 
_exptl.details                    ? 
_exptl.method                     'X-RAY DIFFRACTION' 
_exptl.method_details             ? 
# 
_exptl_crystal.colour                       ? 
_exptl_crystal.density_diffrn               ? 
_exptl_crystal.density_Matthews             1.63 
_exptl_crystal.density_method               ? 
_exptl_crystal.density_percent_sol          24.59 
_exptl_crystal.description                  needle-shaped 
_exptl_crystal.F_000                        ? 
_exptl_crystal.id                           1 
_exptl_crystal.preparation                  ? 
_exptl_crystal.size_max                     ? 
_exptl_crystal.size_mid                     ? 
_exptl_crystal.size_min                     ? 
_exptl_crystal.size_rad                     ? 
_exptl_crystal.colour_lustre                ? 
_exptl_crystal.colour_modifier              ? 
_exptl_crystal.colour_primary               ? 
_exptl_crystal.density_meas                 ? 
_exptl_crystal.density_meas_esd             ? 
_exptl_crystal.density_meas_gt              ? 
_exptl_crystal.density_meas_lt              ? 
_exptl_crystal.density_meas_temp            ? 
_exptl_crystal.density_meas_temp_esd        ? 
_exptl_crystal.density_meas_temp_gt         ? 
_exptl_crystal.density_meas_temp_lt         ? 
_exptl_crystal.pdbx_crystal_image_url       ? 
_exptl_crystal.pdbx_crystal_image_format    ? 
_exptl_crystal.pdbx_mosaicity               ? 
_exptl_crystal.pdbx_mosaicity_esd           ? 
_exptl_crystal.pdbx_mosaic_method           ? 
_exptl_crystal.pdbx_mosaic_block_size       ? 
_exptl_crystal.pdbx_mosaic_block_size_esd   ? 
# 
_exptl_crystal_grow.apparatus       ? 
_exptl_crystal_grow.atmosphere      ? 
_exptl_crystal_grow.crystal_id      1 
_exptl_crystal_grow.details         ? 
_exptl_crystal_grow.method          'BATCH MODE' 
_exptl_crystal_grow.method_ref      ? 
_exptl_crystal_grow.pH              ? 
_exptl_crystal_grow.pressure        ? 
_exptl_crystal_grow.pressure_esd    ? 
_exptl_crystal_grow.seeding         ? 
_exptl_crystal_grow.seeding_ref     ? 
_exptl_crystal_grow.temp_details    ? 
_exptl_crystal_grow.temp_esd        ? 
_exptl_crystal_grow.time            ? 
_exptl_crystal_grow.pdbx_details    'pentafluoropropionic acid, water' 
_exptl_crystal_grow.pdbx_pH_range   ? 
_exptl_crystal_grow.temp            298 
# 
_diffrn.ambient_environment              ? 
_diffrn.ambient_temp                     100 
_diffrn.ambient_temp_details             ? 
_diffrn.ambient_temp_esd                 ? 
_diffrn.crystal_id                       1 
_diffrn.crystal_support                  ? 
_diffrn.crystal_treatment                ? 
_diffrn.details                          ? 
_diffrn.id                               1 
_diffrn.ambient_pressure                 ? 
_diffrn.ambient_pressure_esd             ? 
_diffrn.ambient_pressure_gt              ? 
_diffrn.ambient_pressure_lt              ? 
_diffrn.ambient_temp_gt                  ? 
_diffrn.ambient_temp_lt                  ? 
_diffrn.pdbx_serial_crystal_experiment   N 
# 
_diffrn_detector.details                      ? 
_diffrn_detector.detector                     PIXEL 
_diffrn_detector.diffrn_id                    1 
_diffrn_detector.type                         'DECTRIS EIGER X 16M' 
_diffrn_detector.area_resol_mean              ? 
_diffrn_detector.dtime                        ? 
_diffrn_detector.pdbx_frames_total            ? 
_diffrn_detector.pdbx_collection_time_total   ? 
_diffrn_detector.pdbx_collection_date         2023-03-31 
_diffrn_detector.pdbx_frequency               ? 
_diffrn_detector.id                           ? 
_diffrn_detector.number_of_axes               ? 
# 
_diffrn_radiation.collimation                      ? 
_diffrn_radiation.diffrn_id                        1 
_diffrn_radiation.filter_edge                      ? 
_diffrn_radiation.inhomogeneity                    ? 
_diffrn_radiation.monochromator                    ? 
_diffrn_radiation.polarisn_norm                    ? 
_diffrn_radiation.polarisn_ratio                   ? 
_diffrn_radiation.probe                            ? 
_diffrn_radiation.type                             ? 
_diffrn_radiation.xray_symbol                      ? 
_diffrn_radiation.wavelength_id                    1 
_diffrn_radiation.pdbx_monochromatic_or_laue_m_l   M 
_diffrn_radiation.pdbx_wavelength_list             ? 
_diffrn_radiation.pdbx_wavelength                  ? 
_diffrn_radiation.pdbx_diffrn_protocol             'SINGLE WAVELENGTH' 
_diffrn_radiation.pdbx_analyzer                    ? 
_diffrn_radiation.pdbx_scattering_type             x-ray 
# 
_diffrn_radiation_wavelength.id           1 
_diffrn_radiation_wavelength.wavelength   0.979180 
_diffrn_radiation_wavelength.wt           1.0 
# 
_diffrn_source.current                     ? 
_diffrn_source.details                     ? 
_diffrn_source.diffrn_id                   1 
_diffrn_source.power                       ? 
_diffrn_source.size                        ? 
_diffrn_source.source                      SYNCHROTRON 
_diffrn_source.target                      ? 
_diffrn_source.type                        'APS BEAMLINE 24-ID-E' 
_diffrn_source.voltage                     ? 
_diffrn_source.take-off_angle              ? 
_diffrn_source.pdbx_wavelength_list        0.979180 
_diffrn_source.pdbx_wavelength             ? 
_diffrn_source.pdbx_synchrotron_beamline   24-ID-E 
_diffrn_source.pdbx_synchrotron_site       APS 
# 
_reflns.B_iso_Wilson_estimate                          47.80 
_reflns.entry_id                                       8T82 
_reflns.data_reduction_details                         ? 
_reflns.data_reduction_method                          ? 
_reflns.d_resolution_high                              1.1 
_reflns.d_resolution_low                               13.79 
_reflns.details                                        ? 
_reflns.limit_h_max                                    ? 
_reflns.limit_h_min                                    ? 
_reflns.limit_k_max                                    ? 
_reflns.limit_k_min                                    ? 
_reflns.limit_l_max                                    ? 
_reflns.limit_l_min                                    ? 
_reflns.number_all                                     ? 
_reflns.number_obs                                     2485 
_reflns.observed_criterion                             ? 
_reflns.observed_criterion_F_max                       ? 
_reflns.observed_criterion_F_min                       ? 
_reflns.observed_criterion_I_max                       ? 
_reflns.observed_criterion_I_min                       ? 
_reflns.observed_criterion_sigma_F                     ? 
_reflns.observed_criterion_sigma_I                     ? 
_reflns.percent_possible_obs                           82.5 
_reflns.R_free_details                                 ? 
_reflns.Rmerge_F_all                                   ? 
_reflns.Rmerge_F_obs                                   ? 
_reflns.Friedel_coverage                               ? 
_reflns.number_gt                                      ? 
_reflns.threshold_expression                           ? 
_reflns.pdbx_redundancy                                6.5 
_reflns.pdbx_netI_over_av_sigmaI                       ? 
_reflns.pdbx_netI_over_sigmaI                          10.26 
_reflns.pdbx_res_netI_over_av_sigmaI_2                 ? 
_reflns.pdbx_res_netI_over_sigmaI_2                    ? 
_reflns.pdbx_chi_squared                               ? 
_reflns.pdbx_scaling_rejects                           ? 
_reflns.pdbx_d_res_high_opt                            ? 
_reflns.pdbx_d_res_low_opt                             ? 
_reflns.pdbx_d_res_opt_method                          ? 
_reflns.phase_calculation_details                      ? 
_reflns.pdbx_Rrim_I_all                                0.107 
_reflns.pdbx_Rpim_I_all                                ? 
_reflns.pdbx_d_opt                                     ? 
_reflns.pdbx_number_measured_all                       ? 
_reflns.pdbx_diffrn_id                                 1 
_reflns.pdbx_ordinal                                   1 
_reflns.pdbx_CC_half                                   0.991 
_reflns.pdbx_CC_star                                   ? 
_reflns.pdbx_R_split                                   ? 
_reflns.pdbx_Rmerge_I_obs                              0.099 
_reflns.pdbx_Rmerge_I_all                              ? 
_reflns.pdbx_Rsym_value                                ? 
_reflns.pdbx_CC_split_method                           ? 
_reflns.pdbx_aniso_diffraction_limit_axis_1_ortho[1]   ? 
_reflns.pdbx_aniso_diffraction_limit_axis_1_ortho[2]   ? 
_reflns.pdbx_aniso_diffraction_limit_axis_1_ortho[3]   ? 
_reflns.pdbx_aniso_diffraction_limit_axis_2_ortho[1]   ? 
_reflns.pdbx_aniso_diffraction_limit_axis_2_ortho[2]   ? 
_reflns.pdbx_aniso_diffraction_limit_axis_2_ortho[3]   ? 
_reflns.pdbx_aniso_diffraction_limit_axis_3_ortho[1]   ? 
_reflns.pdbx_aniso_diffraction_limit_axis_3_ortho[2]   ? 
_reflns.pdbx_aniso_diffraction_limit_axis_3_ortho[3]   ? 
_reflns.pdbx_aniso_diffraction_limit_1                 ? 
_reflns.pdbx_aniso_diffraction_limit_2                 ? 
_reflns.pdbx_aniso_diffraction_limit_3                 ? 
_reflns.pdbx_aniso_B_tensor_eigenvector_1_ortho[1]     ? 
_reflns.pdbx_aniso_B_tensor_eigenvector_1_ortho[2]     ? 
_reflns.pdbx_aniso_B_tensor_eigenvector_1_ortho[3]     ? 
_reflns.pdbx_aniso_B_tensor_eigenvector_2_ortho[1]     ? 
_reflns.pdbx_aniso_B_tensor_eigenvector_2_ortho[2]     ? 
_reflns.pdbx_aniso_B_tensor_eigenvector_2_ortho[3]     ? 
_reflns.pdbx_aniso_B_tensor_eigenvector_3_ortho[1]     ? 
_reflns.pdbx_aniso_B_tensor_eigenvector_3_ortho[2]     ? 
_reflns.pdbx_aniso_B_tensor_eigenvector_3_ortho[3]     ? 
_reflns.pdbx_aniso_B_tensor_eigenvalue_1               ? 
_reflns.pdbx_aniso_B_tensor_eigenvalue_2               ? 
_reflns.pdbx_aniso_B_tensor_eigenvalue_3               ? 
_reflns.pdbx_orthogonalization_convention              ? 
_reflns.pdbx_percent_possible_ellipsoidal              ? 
_reflns.pdbx_percent_possible_spherical                ? 
_reflns.pdbx_percent_possible_ellipsoidal_anomalous    ? 
_reflns.pdbx_percent_possible_spherical_anomalous      ? 
_reflns.pdbx_redundancy_anomalous                      ? 
_reflns.pdbx_CC_half_anomalous                         ? 
_reflns.pdbx_absDiff_over_sigma_anomalous              ? 
_reflns.pdbx_percent_possible_anomalous                ? 
_reflns.pdbx_observed_signal_threshold                 ? 
_reflns.pdbx_signal_type                               ? 
_reflns.pdbx_signal_details                            ? 
_reflns.pdbx_signal_software_id                        ? 
# 
loop_
_reflns_shell.d_res_high 
_reflns_shell.d_res_low 
_reflns_shell.meanI_over_sigI_all 
_reflns_shell.meanI_over_sigI_obs 
_reflns_shell.number_measured_all 
_reflns_shell.number_measured_obs 
_reflns_shell.number_possible 
_reflns_shell.number_unique_all 
_reflns_shell.number_unique_obs 
_reflns_shell.percent_possible_obs 
_reflns_shell.Rmerge_F_all 
_reflns_shell.Rmerge_F_obs 
_reflns_shell.meanI_over_sigI_gt 
_reflns_shell.meanI_over_uI_all 
_reflns_shell.meanI_over_uI_gt 
_reflns_shell.number_measured_gt 
_reflns_shell.number_unique_gt 
_reflns_shell.percent_possible_gt 
_reflns_shell.Rmerge_F_gt 
_reflns_shell.Rmerge_I_gt 
_reflns_shell.pdbx_redundancy 
_reflns_shell.pdbx_chi_squared 
_reflns_shell.pdbx_netI_over_sigmaI_all 
_reflns_shell.pdbx_netI_over_sigmaI_obs 
_reflns_shell.pdbx_Rrim_I_all 
_reflns_shell.pdbx_Rpim_I_all 
_reflns_shell.pdbx_rejects 
_reflns_shell.pdbx_ordinal 
_reflns_shell.pdbx_diffrn_id 
_reflns_shell.pdbx_CC_half 
_reflns_shell.pdbx_CC_star 
_reflns_shell.pdbx_R_split 
_reflns_shell.percent_possible_all 
_reflns_shell.Rmerge_I_all 
_reflns_shell.Rmerge_I_obs 
_reflns_shell.pdbx_Rsym_value 
_reflns_shell.pdbx_percent_possible_ellipsoidal 
_reflns_shell.pdbx_percent_possible_spherical 
_reflns_shell.pdbx_percent_possible_ellipsoidal_anomalous 
_reflns_shell.pdbx_percent_possible_spherical_anomalous 
_reflns_shell.pdbx_redundancy_anomalous 
_reflns_shell.pdbx_CC_half_anomalous 
_reflns_shell.pdbx_absDiff_over_sigma_anomalous 
_reflns_shell.pdbx_percent_possible_anomalous 
1.10 1.16  ? ? ? ? ? ? 155 ? ? ? ? ? ? ? ? ? ? ? ? ? ? ? 0.258 ? ? 1  1 0.977 ? ? ? ? 0.234 ? ? ? ? ? ? ? ? ? 
1.16 1.23  ? ? ? ? ? ? 298 ? ? ? ? ? ? ? ? ? ? ? ? ? ? ? 0.218 ? ? 2  1 0.978 ? ? ? ? 0.2   ? ? ? ? ? ? ? ? ? 
1.23 1.31  ? ? ? ? ? ? 333 ? ? ? ? ? ? ? ? ? ? ? ? ? ? ? 0.183 ? ? 3  1 0.986 ? ? ? ? 0.168 ? ? ? ? ? ? ? ? ? 
1.31 1.42  ? ? ? ? ? ? 354 ? ? ? ? ? ? ? ? ? ? ? ? ? ? ? 0.163 ? ? 4  1 0.988 ? ? ? ? 0.15  ? ? ? ? ? ? ? ? ? 
1.42 1.56  ? ? ? ? ? ? 322 ? ? ? ? ? ? ? ? ? ? ? ? ? ? ? 0.136 ? ? 5  1 0.99  ? ? ? ? 0.126 ? ? ? ? ? ? ? ? ? 
1.56 1.74  ? ? ? ? ? ? 281 ? ? ? ? ? ? ? ? ? ? ? ? ? ? ? 0.121 ? ? 6  1 0.994 ? ? ? ? 0.112 ? ? ? ? ? ? ? ? ? 
1.74 2.01  ? ? ? ? ? ? 246 ? ? ? ? ? ? ? ? ? ? ? ? ? ? ? 0.103 ? ? 7  1 0.995 ? ? ? ? 0.095 ? ? ? ? ? ? ? ? ? 
2.01 2.46  ? ? ? ? ? ? 221 ? ? ? ? ? ? ? ? ? ? ? ? ? ? ? 0.107 ? ? 8  1 0.996 ? ? ? ? 0.099 ? ? ? ? ? ? ? ? ? 
2.46 3.48  ? ? ? ? ? ? 177 ? ? ? ? ? ? ? ? ? ? ? ? ? ? ? 0.1   ? ? 9  1 0.995 ? ? ? ? 0.092 ? ? ? ? ? ? ? ? ? 
3.48 13.79 ? ? ? ? ? ? 98  ? ? ? ? ? ? ? ? ? ? ? ? ? ? ? 0.085 ? ? 10 1 0.988 ? ? ? ? 0.079 ? ? ? ? ? ? ? ? ? 
# 
_refine.aniso_B[1][1]                            ? 
_refine.aniso_B[1][2]                            ? 
_refine.aniso_B[1][3]                            ? 
_refine.aniso_B[2][2]                            ? 
_refine.aniso_B[2][3]                            ? 
_refine.aniso_B[3][3]                            ? 
_refine.B_iso_max                                ? 
_refine.B_iso_mean                               6.57 
_refine.B_iso_min                                ? 
_refine.correlation_coeff_Fo_to_Fc               ? 
_refine.correlation_coeff_Fo_to_Fc_free          ? 
_refine.details                                  ? 
_refine.diff_density_max                         ? 
_refine.diff_density_max_esd                     ? 
_refine.diff_density_min                         ? 
_refine.diff_density_min_esd                     ? 
_refine.diff_density_rms                         ? 
_refine.diff_density_rms_esd                     ? 
_refine.entry_id                                 8T82 
_refine.pdbx_refine_id                           'X-RAY DIFFRACTION' 
_refine.ls_abs_structure_details                 ? 
_refine.ls_abs_structure_Flack                   ? 
_refine.ls_abs_structure_Flack_esd               ? 
_refine.ls_abs_structure_Rogers                  ? 
_refine.ls_abs_structure_Rogers_esd              ? 
_refine.ls_d_res_high                            1.10 
_refine.ls_d_res_low                             13.79 
_refine.ls_extinction_coef                       ? 
_refine.ls_extinction_coef_esd                   ? 
_refine.ls_extinction_expression                 ? 
_refine.ls_extinction_method                     ? 
_refine.ls_goodness_of_fit_all                   ? 
_refine.ls_goodness_of_fit_all_esd               ? 
_refine.ls_goodness_of_fit_obs                   ? 
_refine.ls_goodness_of_fit_obs_esd               ? 
_refine.ls_hydrogen_treatment                    ? 
_refine.ls_matrix_type                           ? 
_refine.ls_number_constraints                    ? 
_refine.ls_number_parameters                     ? 
_refine.ls_number_reflns_all                     ? 
_refine.ls_number_reflns_obs                     2384 
_refine.ls_number_reflns_R_free                  238 
_refine.ls_number_reflns_R_work                  2146 
_refine.ls_number_restraints                     ? 
_refine.ls_percent_reflns_obs                    83.12 
_refine.ls_percent_reflns_R_free                 9.98 
_refine.ls_R_factor_all                          ? 
_refine.ls_R_factor_obs                          0.1548 
_refine.ls_R_factor_R_free                       0.1771 
_refine.ls_R_factor_R_free_error                 ? 
_refine.ls_R_factor_R_free_error_details         ? 
_refine.ls_R_factor_R_work                       0.1523 
_refine.ls_R_Fsqd_factor_obs                     ? 
_refine.ls_R_I_factor_obs                        ? 
_refine.ls_redundancy_reflns_all                 ? 
_refine.ls_redundancy_reflns_obs                 ? 
_refine.ls_restrained_S_all                      ? 
_refine.ls_restrained_S_obs                      ? 
_refine.ls_shift_over_esd_max                    ? 
_refine.ls_shift_over_esd_mean                   ? 
_refine.ls_structure_factor_coef                 ? 
_refine.ls_weighting_details                     ? 
_refine.ls_weighting_scheme                      ? 
_refine.ls_wR_factor_all                         ? 
_refine.ls_wR_factor_obs                         ? 
_refine.ls_wR_factor_R_free                      ? 
_refine.ls_wR_factor_R_work                      ? 
_refine.occupancy_max                            ? 
_refine.occupancy_min                            ? 
_refine.solvent_model_details                    'FLAT BULK SOLVENT MODEL' 
_refine.solvent_model_param_bsol                 ? 
_refine.solvent_model_param_ksol                 ? 
_refine.pdbx_R_complete                          ? 
_refine.ls_R_factor_gt                           ? 
_refine.ls_goodness_of_fit_gt                    ? 
_refine.ls_goodness_of_fit_ref                   ? 
_refine.ls_shift_over_su_max                     ? 
_refine.ls_shift_over_su_max_lt                  ? 
_refine.ls_shift_over_su_mean                    ? 
_refine.ls_shift_over_su_mean_lt                 ? 
_refine.pdbx_ls_sigma_I                          ? 
_refine.pdbx_ls_sigma_F                          1.35 
_refine.pdbx_ls_sigma_Fsqd                       ? 
_refine.pdbx_data_cutoff_high_absF               ? 
_refine.pdbx_data_cutoff_high_rms_absF           ? 
_refine.pdbx_data_cutoff_low_absF                ? 
_refine.pdbx_isotropic_thermal_model             ? 
_refine.pdbx_ls_cross_valid_method               'FREE R-VALUE' 
_refine.pdbx_method_to_determine_struct          'AB INITIO PHASING' 
_refine.pdbx_starting_model                      ? 
_refine.pdbx_stereochemistry_target_values       'GeoStd + Monomer Library + CDL v1.2' 
_refine.pdbx_R_Free_selection_details            ? 
_refine.pdbx_stereochem_target_val_spec_case     ? 
_refine.pdbx_overall_ESU_R                       ? 
_refine.pdbx_overall_ESU_R_Free                  ? 
_refine.pdbx_solvent_vdw_probe_radii             1.1000 
_refine.pdbx_solvent_ion_probe_radii             ? 
_refine.pdbx_solvent_shrinkage_radii             0.9000 
_refine.pdbx_real_space_R                        ? 
_refine.pdbx_density_correlation                 ? 
_refine.pdbx_pd_number_of_powder_patterns        ? 
_refine.pdbx_pd_number_of_points                 ? 
_refine.pdbx_pd_meas_number_of_points            ? 
_refine.pdbx_pd_proc_ls_prof_R_factor            ? 
_refine.pdbx_pd_proc_ls_prof_wR_factor           ? 
_refine.pdbx_pd_Marquardt_correlation_coeff      ? 
_refine.pdbx_pd_Fsqrd_R_factor                   ? 
_refine.pdbx_pd_ls_matrix_band_width             ? 
_refine.pdbx_overall_phase_error                 15.0567 
_refine.pdbx_overall_SU_R_free_Cruickshank_DPI   ? 
_refine.pdbx_overall_SU_R_free_Blow_DPI          ? 
_refine.pdbx_overall_SU_R_Blow_DPI               ? 
_refine.pdbx_TLS_residual_ADP_flag               ? 
_refine.pdbx_diffrn_id                           1 
_refine.overall_SU_B                             ? 
_refine.overall_SU_ML                            0.0483 
_refine.overall_SU_R_Cruickshank_DPI             ? 
_refine.overall_SU_R_free                        ? 
_refine.overall_FOM_free_R_set                   ? 
_refine.overall_FOM_work_R_set                   ? 
_refine.pdbx_average_fsc_overall                 ? 
_refine.pdbx_average_fsc_work                    ? 
_refine.pdbx_average_fsc_free                    ? 
# 
_refine_hist.pdbx_refine_id                   'X-RAY DIFFRACTION' 
_refine_hist.cycle_id                         LAST 
_refine_hist.details                          ? 
_refine_hist.d_res_high                       1.10 
_refine_hist.d_res_low                        13.79 
_refine_hist.number_atoms_solvent             1 
_refine_hist.number_atoms_total               49 
_refine_hist.number_reflns_all                ? 
_refine_hist.number_reflns_obs                ? 
_refine_hist.number_reflns_R_free             ? 
_refine_hist.number_reflns_R_work             ? 
_refine_hist.R_factor_all                     ? 
_refine_hist.R_factor_obs                     ? 
_refine_hist.R_factor_R_free                  ? 
_refine_hist.R_factor_R_work                  ? 
_refine_hist.pdbx_number_residues_total       ? 
_refine_hist.pdbx_B_iso_mean_ligand           ? 
_refine_hist.pdbx_B_iso_mean_solvent          ? 
_refine_hist.pdbx_number_atoms_protein        38 
_refine_hist.pdbx_number_atoms_nucleic_acid   0 
_refine_hist.pdbx_number_atoms_ligand         10 
_refine_hist.pdbx_number_atoms_lipid          ? 
_refine_hist.pdbx_number_atoms_carb           ? 
_refine_hist.pdbx_pseudo_atom_details         ? 
# 
loop_
_refine_ls_restr.pdbx_refine_id 
_refine_ls_restr.criterion 
_refine_ls_restr.dev_ideal 
_refine_ls_restr.dev_ideal_target 
_refine_ls_restr.number 
_refine_ls_restr.rejects 
_refine_ls_restr.type 
_refine_ls_restr.weight 
_refine_ls_restr.pdbx_restraint_function 
'X-RAY DIFFRACTION' ? 0.0069  ? 46 ? f_bond_d           ? ? 
'X-RAY DIFFRACTION' ? 1.3596  ? 64 ? f_angle_d          ? ? 
'X-RAY DIFFRACTION' ? 0.0953  ? 7  ? f_chiral_restr     ? ? 
'X-RAY DIFFRACTION' ? 0.0056  ? 7  ? f_plane_restr      ? ? 
'X-RAY DIFFRACTION' ? 14.2853 ? 14 ? f_dihedral_angle_d ? ? 
# 
loop_
_refine_ls_shell.pdbx_refine_id 
_refine_ls_shell.d_res_high 
_refine_ls_shell.d_res_low 
_refine_ls_shell.number_reflns_all 
_refine_ls_shell.number_reflns_obs 
_refine_ls_shell.number_reflns_R_free 
_refine_ls_shell.number_reflns_R_work 
_refine_ls_shell.percent_reflns_obs 
_refine_ls_shell.percent_reflns_R_free 
_refine_ls_shell.R_factor_all 
_refine_ls_shell.R_factor_obs 
_refine_ls_shell.R_factor_R_free_error 
_refine_ls_shell.R_factor_R_work 
_refine_ls_shell.redundancy_reflns_all 
_refine_ls_shell.redundancy_reflns_obs 
_refine_ls_shell.wR_factor_all 
_refine_ls_shell.wR_factor_obs 
_refine_ls_shell.wR_factor_R_free 
_refine_ls_shell.wR_factor_R_work 
_refine_ls_shell.pdbx_R_complete 
_refine_ls_shell.pdbx_total_number_of_bins_used 
_refine_ls_shell.pdbx_phase_error 
_refine_ls_shell.pdbx_fsc_work 
_refine_ls_shell.pdbx_fsc_free 
_refine_ls_shell.R_factor_R_free 
'X-RAY DIFFRACTION' 1.10 1.39  . . 101 913  70.37 . . . . 0.1551 . . . . . . . . . . . 0.1884 
'X-RAY DIFFRACTION' 1.39 13.79 . . 137 1233 96.01 . . . . 0.1515 . . . . . . . . . . . 0.1740 
# 
_struct.entry_id                     8T82 
_struct.title                        
'Racemic mixture of amyloid beta segment 35-MVGGVV-40 forms heterochiral rippled beta-sheet, includes pentafluoropropionic acid' 
_struct.pdbx_model_details           ? 
_struct.pdbx_formula_weight          ? 
_struct.pdbx_formula_weight_method   ? 
_struct.pdbx_model_type_details      ? 
_struct.pdbx_CASP_flag               N 
# 
_struct_keywords.entry_id        8T82 
_struct_keywords.text            'Rippled beta sheet, amyloid fibril, PROTEIN FIBRIL' 
_struct_keywords.pdbx_keywords   'PROTEIN FIBRIL' 
# 
loop_
_struct_asym.id 
_struct_asym.pdbx_blank_PDB_chainid_flag 
_struct_asym.pdbx_modified 
_struct_asym.entity_id 
_struct_asym.details 
A N N 1 ? 
B N N 2 ? 
C N N 3 ? 
# 
_atom_sites.entry_id                    8T82 
_atom_sites.Cartn_transf_matrix[1][1]   ? 
_atom_sites.Cartn_transf_matrix[1][2]   ? 
_atom_sites.Cartn_transf_matrix[1][3]   ? 
_atom_sites.Cartn_transf_matrix[2][1]   ? 
_atom_sites.Cartn_transf_matrix[2][2]   ? 
_atom_sites.Cartn_transf_matrix[2][3]   ? 
_atom_sites.Cartn_transf_matrix[3][1]   ? 
_atom_sites.Cartn_transf_matrix[3][2]   ? 
_atom_sites.Cartn_transf_matrix[3][3]   ? 
_atom_sites.Cartn_transf_vector[1]      ? 
_atom_sites.Cartn_transf_vector[2]      ? 
_atom_sites.Cartn_transf_vector[3]      ? 
_atom_sites.fract_transf_matrix[1][1]   -0.06710044 
_atom_sites.fract_transf_matrix[1][2]   -0.07404496 
_atom_sites.fract_transf_matrix[1][3]   0.03457226 
_atom_sites.fract_transf_matrix[2][1]   -0.03064003 
_atom_sites.fract_transf_matrix[2][2]   0.03821405 
_atom_sites.fract_transf_matrix[2][3]   0.02237626 
_atom_sites.fract_transf_matrix[3][1]   -0.02960699 
_atom_sites.fract_transf_matrix[3][2]   -0.00123618 
_atom_sites.fract_transf_matrix[3][3]   -0.03843000 
_atom_sites.fract_transf_vector[1]      0.262420 
_atom_sites.fract_transf_vector[2]      0.516691 
_atom_sites.fract_transf_vector[3]      0.513135 
_atom_sites.solution_primary            ? 
_atom_sites.solution_secondary          ? 
_atom_sites.solution_hydrogens          ? 
_atom_sites.special_details             ? 
# 
loop_
_atom_type.symbol 
_atom_type.scat_dispersion_real 
_atom_type.scat_dispersion_imag 
_atom_type.scat_Cromer_Mann_a1 
_atom_type.scat_Cromer_Mann_a2 
_atom_type.scat_Cromer_Mann_a3 
_atom_type.scat_Cromer_Mann_a4 
_atom_type.scat_Cromer_Mann_b1 
_atom_type.scat_Cromer_Mann_b2 
_atom_type.scat_Cromer_Mann_b3 
_atom_type.scat_Cromer_Mann_b4 
_atom_type.scat_Cromer_Mann_c 
_atom_type.scat_source 
_atom_type.scat_dispersion_source 
C   ? ? 3.54356 2.42580 ?       ? 25.62398 1.50364  ?       ? 0.0 
;2-Gaussian fit: Grosse-Kunstleve RW, Sauter NK, Adams PD: Newsletter of the IUCr Commission on Crystallographic Computing 2004, 3, 22-31.
;
? 
F   ? ? 4.90428 4.07044 ?       ? 12.99538 1.63651  ?       ? 0.0 
;2-Gaussian fit: Grosse-Kunstleve RW, Sauter NK, Adams PD: Newsletter of the IUCr Commission on Crystallographic Computing 2004, 3, 22-31.
;
? 
H   ? ? 0.51345 0.48472 ?       ? 24.73122 6.32584  ?       ? 0.0 
;2-Gaussian fit: Grosse-Kunstleve RW, Sauter NK, Adams PD: Newsletter of the IUCr Commission on Crystallographic Computing 2004, 3, 22-31.
;
? 
N   ? ? 4.01032 2.96436 ?       ? 19.97189 1.75589  ?       ? 0.0 
;2-Gaussian fit: Grosse-Kunstleve RW, Sauter NK, Adams PD: Newsletter of the IUCr Commission on Crystallographic Computing 2004, 3, 22-31.
;
? 
O   ? ? 4.49882 3.47563 ?       ? 15.80542 1.70748  ?       ? 0.0 
;2-Gaussian fit: Grosse-Kunstleve RW, Sauter NK, Adams PD: Newsletter of the IUCr Commission on Crystallographic Computing 2004, 3, 22-31.
;
? 
O1- ? ? 4.31557 2.79156 1.86576 ? 8.03600  32.36470 0.29580 ? 0.0 
;3-Gaussian fit: Grosse-Kunstleve RW, Sauter NK, Adams PD: Newsletter of the IUCr Commission on Crystallographic Computing 2004, 3, 22-31.
;
? 
S   ? ? 9.55732 6.39887 ?       ? 1.23737  29.19336 ?       ? 0.0 
;2-Gaussian fit: Grosse-Kunstleve RW, Sauter NK, Adams PD: Newsletter of the IUCr Commission on Crystallographic Computing 2004, 3, 22-31.
;
? 
# 
loop_
_atom_site.group_PDB 
_atom_site.id 
_atom_site.type_symbol 
_atom_site.label_atom_id 
_atom_site.label_alt_id 
_atom_site.label_comp_id 
_atom_site.label_asym_id 
_atom_site.label_entity_id 
_atom_site.label_seq_id 
_atom_site.pdbx_PDB_ins_code 
_atom_site.Cartn_x 
_atom_site.Cartn_y 
_atom_site.Cartn_z 
_atom_site.occupancy 
_atom_site.B_iso_or_equiv 
_atom_site.pdbx_formal_charge 
_atom_site.auth_seq_id 
_atom_site.auth_comp_id 
_atom_site.auth_asym_id 
_atom_site.auth_atom_id 
_atom_site.pdbx_PDB_model_num 
ATOM   1  N N    . MET A 1 1 ? 2.31608  4.74178  7.47451  1.000 5.70498  ?  35  MET A N    1 
ATOM   2  C CA   . MET A 1 1 ? 1.34662  3.86213  6.76847  1.000 5.66814  ?  35  MET A CA   1 
ATOM   3  C C    . MET A 1 1 ? 2.08579  3.22443  5.59192  1.000 4.85488  ?  35  MET A C    1 
ATOM   4  O O    . MET A 1 1 ? 2.94943  3.85216  4.97329  1.000 5.73130  ?  35  MET A O    1 
ATOM   5  C CB   . MET A 1 1 ? 0.14131  4.66302  6.25068  1.000 6.27347  ?  35  MET A CB   1 
ATOM   6  C CG   . MET A 1 1 ? -0.76069 5.29224  7.32944  1.000 7.25254  ?  35  MET A CG   1 
ATOM   7  S SD   . MET A 1 1 ? -1.61939 4.05972  8.32107  1.000 7.68943  ?  35  MET A SD   1 
ATOM   8  C CE   . MET A 1 1 ? -2.67060 3.31702  7.08390  1.000 8.21318  ?  35  MET A CE   1 
ATOM   9  H H1   . MET A 1 1 ? 1.95183  5.04075  8.22915  1.000 6.86903  ?  35  MET A H1   1 
ATOM   10 H H2   . MET A 1 1 ? 3.05270  4.27990  7.66437  1.000 6.86903  ?  35  MET A H2   1 
ATOM   11 H H3   . MET A 1 1 ? 2.52536  5.43216  6.95265  1.000 6.86903  ?  35  MET A H3   1 
ATOM   12 H HA   . MET A 1 1 ? 0.99084  3.19302  7.37346  1.000 6.81903  ?  35  MET A HA   1 
ATOM   13 H HB2  . MET A 1 1 ? 0.47311  5.38745  5.69647  1.000 7.54903  ?  35  MET A HB2  1 
ATOM   14 H HB3  . MET A 1 1 ? -0.41384 4.06912  5.72263  1.000 7.54903  ?  35  MET A HB3  1 
ATOM   15 H HG2  . MET A 1 1 ? -0.21484 5.82954  7.92457  1.000 8.71903  ?  35  MET A HG2  1 
ATOM   16 H HG3  . MET A 1 1 ? -1.42740 5.84857  6.89832  1.000 8.71903  ?  35  MET A HG3  1 
ATOM   17 H HE1  . MET A 1 1 ? -3.54264 3.14729  7.47202  1.000 9.86903  ?  35  MET A HE1  1 
ATOM   18 H HE2  . MET A 1 1 ? -2.75409 3.92503  6.33312  1.000 9.86903  ?  35  MET A HE2  1 
ATOM   19 H HE3  . MET A 1 1 ? -2.27141 2.48283  6.79057  1.000 9.86903  ?  35  MET A HE3  1 
ATOM   20 N N    . VAL A 1 2 ? 1.71716  1.99934  5.26374  1.000 4.66012  ?  36  VAL A N    1 
ATOM   21 C CA   . VAL A 1 2 ? 2.24546  1.26848  4.11879  1.000 4.77593  ?  36  VAL A CA   1 
ATOM   22 C C    . VAL A 1 2 ? 1.11893  1.16920  3.09953  1.000 4.48905  ?  36  VAL A C    1 
ATOM   23 O O    . VAL A 1 2 ? 0.10537  0.50410  3.33606  1.000 4.91805  ?  36  VAL A O    1 
ATOM   24 C CB   . VAL A 1 2 ? 2.76072  -0.11111 4.54281  1.000 5.23651  ?  36  VAL A CB   1 
ATOM   25 C CG1  . VAL A 1 2 ? 3.16518  -0.92929 3.32687  1.000 5.51549  ?  36  VAL A CG1  1 
ATOM   26 C CG2  . VAL A 1 2 ? 3.91211  0.05522  5.51046  1.000 6.09187  ?  36  VAL A CG2  1 
ATOM   27 H H    . VAL A 1 2 ? 1.13500  1.54730  5.70784  1.000 5.60903  ?  36  VAL A H    1 
ATOM   28 H HA   . VAL A 1 2 ? 2.97718  1.75643  3.70985  1.000 5.74903  ?  36  VAL A HA   1 
ATOM   29 H HB   . VAL A 1 2 ? 2.05560  -0.60203 4.99324  1.000 6.30903  ?  36  VAL A HB   1 
ATOM   30 H HG11 . VAL A 1 2 ? 3.47274  -1.80018 3.62051  1.000 6.63903  ?  36  VAL A HG11 1 
ATOM   31 H HG12 . VAL A 1 2 ? 2.39575  -1.02843 2.74341  1.000 6.63903  ?  36  VAL A HG12 1 
ATOM   32 H HG13 . VAL A 1 2 ? 3.87739  -0.46699 2.85801  1.000 6.63903  ?  36  VAL A HG13 1 
ATOM   33 H HG21 . VAL A 1 2 ? 4.24995  -0.82143 5.75192  1.000 7.32903  ?  36  VAL A HG21 1 
ATOM   34 H HG22 . VAL A 1 2 ? 4.61148  0.57345  5.08252  1.000 7.32903  ?  36  VAL A HG22 1 
ATOM   35 H HG23 . VAL A 1 2 ? 3.59488  0.51688  6.30194  1.000 7.32903  ?  36  VAL A HG23 1 
ATOM   36 N N    . GLY A 1 3 ? 1.26715  1.85800  1.97696  1.000 4.11795  ?  37  GLY A N    1 
ATOM   37 C CA   . GLY A 1 3 ? 0.22525  1.84036  0.98710  1.000 4.53379  ?  37  GLY A CA   1 
ATOM   38 C C    . GLY A 1 3 ? 0.07023  0.48402  0.33567  1.000 4.71013  ?  37  GLY A C    1 
ATOM   39 O O    . GLY A 1 3 ? 1.00455  -0.30015 0.23963  1.000 5.32862  ?  37  GLY A O    1 
ATOM   40 H H    . GLY A 1 3 ? 1.95375  2.33378  1.77489  1.000 4.95903  ?  37  GLY A H    1 
ATOM   41 H HA2  . GLY A 1 3 ? -0.61848 2.07766  1.40471  1.000 5.45903  ?  37  GLY A HA2  1 
ATOM   42 H HA3  . GLY A 1 3 ? 0.42860  2.49006  0.29559  1.000 5.45903  ?  37  GLY A HA3  1 
ATOM   43 N N    . GLY A 1 4 ? -1.13904 0.21587  -0.12826 1.000 4.76277  ?  38  GLY A N    1 
ATOM   44 C CA   . GLY A 1 4 ? -1.40210 -1.01307 -0.84198 1.000 4.73118  ?  38  GLY A CA   1 
ATOM   45 C C    . GLY A 1 4 ? -0.71747 -1.05346 -2.19397 1.000 4.52590  ?  38  GLY A C    1 
ATOM   46 O O    . GLY A 1 4 ? -0.22994 -0.05770 -2.72156 1.000 4.79698  ?  38  GLY A O    1 
ATOM   47 H H    . GLY A 1 4 ? -1.82215 0.73064  -0.04157 1.000 5.72903  ?  38  GLY A H    1 
ATOM   48 H HA2  . GLY A 1 4 ? -1.08521 -1.76329 -0.31568 1.000 5.69903  ?  38  GLY A HA2  1 
ATOM   49 H HA3  . GLY A 1 4 ? -2.35790 -1.10519 -0.98027 1.000 5.69903  ?  38  GLY A HA3  1 
ATOM   50 N N    . VAL A 1 5 ? -0.74664 -2.24250 -2.77347 1.000 4.23376  ?  39  VAL A N    1 
ATOM   51 C CA   . VAL A 1 5 ? -0.09353 -2.52625 -4.04663 1.000 4.79172  ?  39  VAL A CA   1 
ATOM   52 C C    . VAL A 1 5 ? -1.08633 -3.30408 -4.89834 1.000 5.12334  ?  39  VAL A C    1 
ATOM   53 O O    . VAL A 1 5 ? -1.59535 -4.34447 -4.45630 1.000 5.31810  ?  39  VAL A O    1 
ATOM   54 C CB   . VAL A 1 5 ? 1.20517  -3.33313 -3.84558 1.000 5.81289  ?  39  VAL A CB   1 
ATOM   55 C CG1  . VAL A 1 5 ? 1.88912  -3.56916 -5.18445 1.000 6.47876  ?  39  VAL A CG1  1 
ATOM   56 C CG2  . VAL A 1 5 ? 2.14202  -2.60075 -2.87733 1.000 6.28927  ?  39  VAL A CG2  1 
ATOM   57 H H    . VAL A 1 5 ? -1.15042 -2.92472 -2.44045 1.000 5.09903  ?  39  VAL A H    1 
ATOM   58 H HA   . VAL A 1 5 ? 0.12721  -1.70059 -4.50465 1.000 5.76903  ?  39  VAL A HA   1 
ATOM   59 H HB   . VAL A 1 5 ? 0.98998  -4.19643 -3.46008 1.000 6.99903  ?  39  VAL A HB   1 
ATOM   60 H HG11 . VAL A 1 5 ? 2.71390  -4.05706 -5.03641 1.000 7.78903  ?  39  VAL A HG11 1 
ATOM   61 H HG12 . VAL A 1 5 ? 1.29723  -4.08455 -5.75491 1.000 7.78903  ?  39  VAL A HG12 1 
ATOM   62 H HG13 . VAL A 1 5 ? 2.08135  -2.71170 -5.59626 1.000 7.78903  ?  39  VAL A HG13 1 
ATOM   63 H HG21 . VAL A 1 5 ? 2.95819  -3.11531 -2.77737 1.000 7.56903  ?  39  VAL A HG21 1 
ATOM   64 H HG22 . VAL A 1 5 ? 2.34599  -1.72357 -3.23695 1.000 7.56903  ?  39  VAL A HG22 1 
ATOM   65 H HG23 . VAL A 1 5 ? 1.70010  -2.51117 -2.01823 1.000 7.56903  ?  39  VAL A HG23 1 
ATOM   66 N N    . VAL A 1 6 ? -1.37129 -2.79563 -6.09430 1.000 5.77605  ?  40  VAL A N    1 
ATOM   67 C CA   . VAL A 1 6 ? -2.32170 -3.43166 -6.98575 1.000 5.94975  ?  40  VAL A CA   1 
ATOM   68 C C    . VAL A 1 6 ? -1.62786 -4.09252 -8.16072 1.000 6.63141  ?  40  VAL A C    1 
ATOM   69 O O    . VAL A 1 6 ? -0.52057 -3.80954 -8.48748 1.000 6.83407  ?  40  VAL A O    1 
ATOM   70 C CB   . VAL A 1 6 ? -3.38457 -2.44580 -7.47274 1.000 7.22359  ?  40  VAL A CB   1 
ATOM   71 C CG1  . VAL A 1 6 ? -4.17527 -1.90854 -6.29872 1.000 8.68166  ?  40  VAL A CG1  1 
ATOM   72 C CG2  . VAL A 1 6 ? -2.76040 -1.30613 -8.24913 1.000 7.18148  ?  40  VAL A CG2  1 
ATOM   73 O OXT  . VAL A 1 6 ? -2.31983 -5.00437 -8.81685 1.000 7.44730  ?  40  VAL A OXT  1 
ATOM   74 H H    . VAL A 1 6 ? -1.02220 -2.07626 -6.41164 1.000 6.94903  ?  40  VAL A H    1 
ATOM   75 H HA   . VAL A 1 6 ? -2.76798 -4.12965 -6.48183 1.000 7.15903  ?  40  VAL A HA   1 
ATOM   76 H HB   . VAL A 1 6 ? -3.98786 -2.91593 -8.06871 1.000 8.68903  ?  40  VAL A HB   1 
ATOM   77 H HG11 . VAL A 1 6 ? -4.85460 -1.29915 -6.62838 1.000 10.43903 ?  40  VAL A HG11 1 
ATOM   78 H HG12 . VAL A 1 6 ? -4.59259 -2.64948 -5.83342 1.000 10.43903 ?  40  VAL A HG12 1 
ATOM   79 H HG13 . VAL A 1 6 ? -3.57304 -1.43909 -5.70065 1.000 10.43903 ?  40  VAL A HG13 1 
ATOM   80 H HG21 . VAL A 1 6 ? -3.46195 -0.70474 -8.54500 1.000 8.63903  ?  40  VAL A HG21 1 
ATOM   81 H HG22 . VAL A 1 6 ? -2.14116 -0.83340 -7.67186 1.000 8.63903  ?  40  VAL A HG22 1 
ATOM   82 H HG23 . VAL A 1 6 ? -2.28904 -1.66700 -9.01612 1.000 8.63903  ?  40  VAL A HG23 1 
ATOM   83 H HXT  . VAL A 1 6 ? -2.72742 -5.57721 -8.18009 1.000 8.95903  ?  40  VAL A HXT  1 
HETATM 84 C C01  . YWK B 2 . ? 4.60026  1.66358  10.42032 1.000 9.38437  ?  101 YWK A C01  1 
HETATM 85 C C02  . YWK B 2 . ? 5.79659  1.03010  9.71097  1.000 10.63452 ?  101 YWK A C02  1 
HETATM 86 C C03  . YWK B 2 . ? 3.64381  2.38379  9.48106  1.000 8.34214  ?  101 YWK A C03  1 
HETATM 87 F F01  . YWK B 2 . ? 3.93653  0.69938  11.12684 1.000 10.08446 ?  101 YWK A F01  1 
HETATM 88 F F02  . YWK B 2 . ? 5.08589  2.55936  11.32433 1.000 9.11066  ?  101 YWK A F02  1 
HETATM 89 F F03  . YWK B 2 . ? 6.63502  1.96230  9.18279  1.000 10.72138 ?  101 YWK A F03  1 
HETATM 90 F F04  . YWK B 2 . ? 6.48175  0.27723  10.60648 1.000 11.20564 ?  101 YWK A F04  1 
HETATM 91 F F05  . YWK B 2 . ? 5.38818  0.19020  8.73305  1.000 11.53200 ?  101 YWK A F05  1 
HETATM 92 O O01  . YWK B 2 . ? 2.39196  2.32219  9.69867  1.000 8.94485  -1 101 YWK A O01  1 
HETATM 93 O O02  . YWK B 2 . ? 4.15602  3.05809  8.54955  1.000 8.16581  ?  101 YWK A O02  1 
HETATM 94 O O    . HOH C 3 . ? 3.59052  0.41307  0.04533  1.000 5.45759  ?  201 HOH A O    1 
# 
loop_
_atom_site_anisotrop.id 
_atom_site_anisotrop.type_symbol 
_atom_site_anisotrop.pdbx_label_atom_id 
_atom_site_anisotrop.pdbx_label_alt_id 
_atom_site_anisotrop.pdbx_label_comp_id 
_atom_site_anisotrop.pdbx_label_asym_id 
_atom_site_anisotrop.pdbx_label_seq_id 
_atom_site_anisotrop.pdbx_PDB_ins_code 
_atom_site_anisotrop.U[1][1] 
_atom_site_anisotrop.U[2][2] 
_atom_site_anisotrop.U[3][3] 
_atom_site_anisotrop.U[1][2] 
_atom_site_anisotrop.U[1][3] 
_atom_site_anisotrop.U[2][3] 
_atom_site_anisotrop.pdbx_auth_seq_id 
_atom_site_anisotrop.pdbx_auth_comp_id 
_atom_site_anisotrop.pdbx_auth_asym_id 
_atom_site_anisotrop.pdbx_auth_atom_id 
1  N N   . MET A 1 ? 0.07664 0.07335 0.06676 -0.00844 -0.00987 -0.01223 35  MET A N   
2  C CA  . MET A 1 ? 0.07616 0.07585 0.06334 -0.01131 -0.00118 -0.00938 35  MET A CA  
3  C C   . MET A 1 ? 0.06555 0.07083 0.04807 -0.01644 0.00811  -0.00151 35  MET A C   
4  O O   . MET A 1 ? 0.08591 0.07039 0.06146 -0.01799 0.00491  -0.00258 35  MET A O   
5  C CB  . MET A 1 ? 0.06614 0.09738 0.07483 -0.00485 0.00583  -0.01353 35  MET A CB  
6  C CG  . MET A 1 ? 0.08815 0.10525 0.08216 -0.00021 0.00433  -0.00576 35  MET A CG  
7  S SD  . MET A 1 ? 0.09159 0.11086 0.08971 -0.01410 0.00911  -0.00338 35  MET A SD  
8  C CE  . MET A 1 ? 0.08962 0.11557 0.10687 -0.01491 0.00695  -0.01368 35  MET A CE  
20 N N   . VAL A 2 ? 0.05511 0.06482 0.05711 -0.01595 0.00490  -0.00401 36  VAL A N   
21 C CA  . VAL A 2 ? 0.06566 0.06214 0.05366 -0.01188 -0.00548 -0.00279 36  VAL A CA  
22 C C   . VAL A 2 ? 0.06551 0.05530 0.04973 -0.01131 -0.00273 0.00065  36  VAL A C   
23 O O   . VAL A 2 ? 0.06251 0.07056 0.05379 -0.01275 -0.00017 -0.00082 36  VAL A O   
24 C CB  . VAL A 2 ? 0.06283 0.06803 0.06809 -0.00540 -0.01384 -0.00104 36  VAL A CB  
25 C CG1 . VAL A 2 ? 0.06111 0.07799 0.07044 -0.00235 -0.00793 0.00759  36  VAL A CG1 
26 C CG2 . VAL A 2 ? 0.07007 0.08499 0.07639 0.00501  -0.01968 -0.00336 36  VAL A CG2 
36 N N   . GLY A 3 ? 0.06086 0.04208 0.05351 -0.02031 -0.00138 0.00434  37  GLY A N   
37 C CA  . GLY A 3 ? 0.06258 0.05977 0.04990 -0.00981 0.00050  0.00354  37  GLY A CA  
38 C C   . GLY A 3 ? 0.04826 0.07666 0.05403 -0.01187 0.00420  0.00643  37  GLY A C   
39 O O   . GLY A 3 ? 0.05054 0.08464 0.06728 -0.00450 -0.00748 -0.00597 37  GLY A O   
43 N N   . GLY A 4 ? 0.05786 0.06739 0.05570 -0.01400 0.00424  0.00180  38  GLY A N   
44 C CA  . GLY A 4 ? 0.05915 0.06561 0.05500 -0.01572 0.00238  -0.00018 38  GLY A CA  
45 C C   . GLY A 4 ? 0.06512 0.05066 0.05617 -0.01450 -0.00095 0.00050  38  GLY A C   
46 O O   . GLY A 4 ? 0.07768 0.04707 0.05751 -0.00798 -0.00188 -0.00723 38  GLY A O   
50 N N   . VAL A 5 ? 0.05787 0.04834 0.05464 -0.01681 0.00634  0.00265  39  VAL A N   
51 C CA  . VAL A 5 ? 0.05467 0.06521 0.06217 -0.01849 0.00865  -0.00282 39  VAL A CA  
52 C C   . VAL A 5 ? 0.07296 0.06592 0.05577 -0.01746 0.00467  0.00002  39  VAL A C   
53 O O   . VAL A 5 ? 0.07435 0.06415 0.06355 -0.02308 0.00308  0.00053  39  VAL A O   
54 C CB  . VAL A 5 ? 0.07042 0.07755 0.07287 0.00142  0.00634  -0.00957 39  VAL A CB  
55 C CG1 . VAL A 5 ? 0.07755 0.08594 0.08267 0.01521  0.00401  -0.00648 39  VAL A CG1 
56 C CG2 . VAL A 5 ? 0.07314 0.08350 0.08232 0.00281  0.00217  -0.00830 39  VAL A CG2 
66 N N   . VAL A 6 ? 0.08255 0.06772 0.06918 -0.01814 -0.00688 -0.00733 40  VAL A N   
67 C CA  . VAL A 6 ? 0.07347 0.07728 0.07531 -0.01960 -0.00151 -0.00746 40  VAL A CA  
68 C C   . VAL A 6 ? 0.07563 0.08287 0.09345 -0.01262 -0.00889 -0.01916 40  VAL A C   
69 O O   . VAL A 6 ? 0.07626 0.07845 0.10494 -0.00462 -0.01301 -0.01941 40  VAL A O   
70 C CB  . VAL A 6 ? 0.08823 0.10089 0.08533 -0.00429 -0.00586 -0.00914 40  VAL A CB  
71 C CG1 . VAL A 6 ? 0.09636 0.13956 0.09393 0.00694  -0.00179 -0.01981 40  VAL A CG1 
72 C CG2 . VAL A 6 ? 0.10015 0.08959 0.08311 0.00034  -0.01244 0.00263  40  VAL A CG2 
73 O OXT . VAL A 6 ? 0.08536 0.08806 0.10953 -0.01416 -0.01731 -0.02740 40  VAL A OXT 
84 C C01 . YWK B . ? 0.11701 0.11427 0.12526 -0.00963 -0.03886 0.00770  101 YWK A C01 
85 C C02 . YWK B . ? 0.12410 0.13858 0.14137 0.01439  -0.04983 -0.00452 101 YWK A C02 
86 C C03 . YWK B . ? 0.09666 0.10544 0.11485 -0.01060 -0.02866 0.00986  101 YWK A C03 
87 F F01 . YWK B . ? 0.13921 0.11947 0.12446 -0.01260 -0.03316 0.03047  101 YWK A F01 
88 F F02 . YWK B . ? 0.11109 0.11646 0.11860 -0.01286 -0.04446 0.00009  101 YWK A F02 
89 F F03 . YWK B . ? 0.09563 0.16700 0.14472 0.00791  -0.02704 -0.00067 101 YWK A F03 
90 F F04 . YWK B . ? 0.14524 0.13565 0.14486 0.03142  -0.05970 0.00416  101 YWK A F04 
91 F F05 . YWK B . ? 0.15599 0.14049 0.14167 0.02725  -0.06302 -0.02485 101 YWK A F05 
92 O O01 . YWK B . ? 0.11941 0.09798 0.12246 -0.01341 -0.04134 0.01021  101 YWK A O01 
93 O O02 . YWK B . ? 0.09083 0.11910 0.10032 -0.00022 -0.01367 0.01408  101 YWK A O02 
94 O O   . HOH C . ? 0.05723 0.07594 0.07417 -0.00623 0.00161  0.00543  201 HOH A O   
# 
loop_
_pdbx_poly_seq_scheme.asym_id 
_pdbx_poly_seq_scheme.entity_id 
_pdbx_poly_seq_scheme.seq_id 
_pdbx_poly_seq_scheme.mon_id 
_pdbx_poly_seq_scheme.ndb_seq_num 
_pdbx_poly_seq_scheme.pdb_seq_num 
_pdbx_poly_seq_scheme.auth_seq_num 
_pdbx_poly_seq_scheme.pdb_mon_id 
_pdbx_poly_seq_scheme.auth_mon_id 
_pdbx_poly_seq_scheme.pdb_strand_id 
_pdbx_poly_seq_scheme.pdb_ins_code 
_pdbx_poly_seq_scheme.hetero 
A 1 1 MET 1 35 35 MET MET A . n 
A 1 2 VAL 2 36 36 VAL VAL A . n 
A 1 3 GLY 3 37 37 GLY GLY A . n 
A 1 4 GLY 4 38 38 GLY GLY A . n 
A 1 5 VAL 5 39 39 VAL VAL A . n 
A 1 6 VAL 6 40 40 VAL VAL A . n 
# 
_pdbx_contact_author.id                 2 
_pdbx_contact_author.email              jraskato@ucsc.edu 
_pdbx_contact_author.name_first         Jevgenij 
_pdbx_contact_author.name_last          Raskatov 
_pdbx_contact_author.name_mi            A 
_pdbx_contact_author.role               'principal investigator/group leader' 
_pdbx_contact_author.identifier_ORCID   0000-0002-0082-9113 
# 
loop_
_pdbx_nonpoly_scheme.asym_id 
_pdbx_nonpoly_scheme.entity_id 
_pdbx_nonpoly_scheme.mon_id 
_pdbx_nonpoly_scheme.ndb_seq_num 
_pdbx_nonpoly_scheme.pdb_seq_num 
_pdbx_nonpoly_scheme.auth_seq_num 
_pdbx_nonpoly_scheme.pdb_mon_id 
_pdbx_nonpoly_scheme.auth_mon_id 
_pdbx_nonpoly_scheme.pdb_strand_id 
_pdbx_nonpoly_scheme.pdb_ins_code 
B 2 YWK 1 101 101 YWK LIG A . 
C 3 HOH 1 201 102 HOH HOH A . 
# 
_pdbx_struct_assembly.id                   1 
_pdbx_struct_assembly.details              author_defined_assembly 
_pdbx_struct_assembly.method_details       ? 
_pdbx_struct_assembly.oligomeric_details   hexameric 
_pdbx_struct_assembly.oligomeric_count     6 
# 
loop_
_pdbx_struct_assembly_gen.assembly_id 
_pdbx_struct_assembly_gen.oper_expression 
_pdbx_struct_assembly_gen.asym_id_list 
1 1 A,B,C 
1 2 A,B,C 
1 3 A,B,C 
1 4 A,B,C 
1 5 A,B,C 
1 6 A,B,C 
# 
loop_
_pdbx_struct_oper_list.id 
_pdbx_struct_oper_list.type 
_pdbx_struct_oper_list.name 
_pdbx_struct_oper_list.symmetry_operation 
_pdbx_struct_oper_list.matrix[1][1] 
_pdbx_struct_oper_list.matrix[1][2] 
_pdbx_struct_oper_list.matrix[1][3] 
_pdbx_struct_oper_list.vector[1] 
_pdbx_struct_oper_list.matrix[2][1] 
_pdbx_struct_oper_list.matrix[2][2] 
_pdbx_struct_oper_list.matrix[2][3] 
_pdbx_struct_oper_list.vector[2] 
_pdbx_struct_oper_list.matrix[3][1] 
_pdbx_struct_oper_list.matrix[3][2] 
_pdbx_struct_oper_list.matrix[3][3] 
_pdbx_struct_oper_list.vector[3] 
1 'identity operation'         1_555 x,y,z          1.0000000000  0.0000000000 0.0000000000 0.0000000000  0.0000000000 1.0000000000  0.0000000000 0.0000000000  0.0000000000 0.0000000000 1.0000000000  0.0000000000  
2 'crystal symmetry operation' 1_655 x+1,y,z        1.0000000000  0.0000000000 0.0000000000 -5.2712674925 0.0000000000 1.0000000000  0.0000000000 -6.7312437048 0.0000000000 0.0000000000 1.0000000000  4.2775807660  
3 'crystal symmetry operation' 1_455 x-1,y,z        1.0000000000  0.0000000000 0.0000000000 5.2712674925  0.0000000000 1.0000000000  0.0000000000 6.7312437048  0.0000000000 0.0000000000 1.0000000000  -4.2775807660 
4 'crystal symmetry operation' 3_566 -x,-y+1,-z+1   -1.0000000000 0.0000000000 0.0000000000 3.4056359852  0.0000000000 -1.0000000000 0.0000000000 3.0503887935  0.0000000000 0.0000000000 -1.0000000000 -2.0381378783 
5 'crystal symmetry operation' 3_666 -x+1,-y+1,-z+1 -1.0000000000 0.0000000000 0.0000000000 -1.8656315073 0.0000000000 -1.0000000000 0.0000000000 -3.6808549113 0.0000000000 0.0000000000 -1.0000000000 2.2394428877  
6 'crystal symmetry operation' 3_466 -x-1,-y+1,-z+1 -1.0000000000 0.0000000000 0.0000000000 8.6769034776  0.0000000000 -1.0000000000 0.0000000000 9.7816324983  0.0000000000 0.0000000000 -1.0000000000 -6.3157186442 
# 
loop_
_pdbx_audit_revision_history.ordinal 
_pdbx_audit_revision_history.data_content_type 
_pdbx_audit_revision_history.major_revision 
_pdbx_audit_revision_history.minor_revision 
_pdbx_audit_revision_history.revision_date 
1 'Structure model' 1 0 2023-11-29 
2 'Structure model' 1 1 2023-12-13 
# 
_pdbx_audit_revision_details.ordinal             1 
_pdbx_audit_revision_details.revision_ordinal    1 
_pdbx_audit_revision_details.data_content_type   'Structure model' 
_pdbx_audit_revision_details.provider            repository 
_pdbx_audit_revision_details.type                'Initial release' 
_pdbx_audit_revision_details.description         ? 
_pdbx_audit_revision_details.details             ? 
# 
_pdbx_audit_revision_group.ordinal             1 
_pdbx_audit_revision_group.revision_ordinal    2 
_pdbx_audit_revision_group.data_content_type   'Structure model' 
_pdbx_audit_revision_group.group               'Database references' 
# 
loop_
_pdbx_audit_revision_category.ordinal 
_pdbx_audit_revision_category.revision_ordinal 
_pdbx_audit_revision_category.data_content_type 
_pdbx_audit_revision_category.category 
1 2 'Structure model' citation        
2 2 'Structure model' citation_author 
# 
loop_
_pdbx_audit_revision_item.ordinal 
_pdbx_audit_revision_item.revision_ordinal 
_pdbx_audit_revision_item.data_content_type 
_pdbx_audit_revision_item.item 
1 2 'Structure model' '_citation.journal_volume'          
2 2 'Structure model' '_citation.page_first'              
3 2 'Structure model' '_citation.page_last'               
4 2 'Structure model' '_citation_author.identifier_ORCID' 
# 
loop_
_space_group_symop.id 
_space_group_symop.operation_xyz 
1 x,y,z           
2 -x,y+1/2,-z+1/2 
3 -x,-y,-z        
4 x,-y-1/2,z-1/2  
# 
loop_
_software.citation_id 
_software.classification 
_software.compiler_name 
_software.compiler_version 
_software.contact_author 
_software.contact_author_email 
_software.date 
_software.description 
_software.dependencies 
_software.hardware 
_software.language 
_software.location 
_software.mods 
_software.name 
_software.os 
_software.os_version 
_software.type 
_software.version 
_software.pdbx_ordinal 
? refinement       ? ? ? ? ? ? ? ? ? ? ? PHENIX ? ? ? 1.20.1_4487 1 
? 'data scaling'   ? ? ? ? ? ? ? ? ? ? ? XSCALE ? ? ? 20220820    2 
? 'data reduction' ? ? ? ? ? ? ? ? ? ? ? XDS    ? ? ? 20220820    3 
? phasing          ? ? ? ? ? ? ? ? ? ? ? SHELXD ? ? ? 2013/2      4 
# 
_pdbx_entry_details.entry_id                 8T82 
_pdbx_entry_details.has_ligand_of_interest   Y 
_pdbx_entry_details.compound_details         ? 
_pdbx_entry_details.source_details           ? 
_pdbx_entry_details.nonpolymer_details       ? 
_pdbx_entry_details.sequence_details         ? 
# 
loop_
_chem_comp_atom.comp_id 
_chem_comp_atom.atom_id 
_chem_comp_atom.type_symbol 
_chem_comp_atom.pdbx_aromatic_flag 
_chem_comp_atom.pdbx_stereo_config 
_chem_comp_atom.pdbx_ordinal 
GLY N    N N N 1  
GLY CA   C N N 2  
GLY C    C N N 3  
GLY O    O N N 4  
GLY OXT  O N N 5  
GLY H    H N N 6  
GLY H2   H N N 7  
GLY HA2  H N N 8  
GLY HA3  H N N 9  
GLY HXT  H N N 10 
HOH O    O N N 11 
HOH H1   H N N 12 
HOH H2   H N N 13 
MET N    N N N 14 
MET CA   C N S 15 
MET C    C N N 16 
MET O    O N N 17 
MET CB   C N N 18 
MET CG   C N N 19 
MET SD   S N N 20 
MET CE   C N N 21 
MET OXT  O N N 22 
MET H    H N N 23 
MET H2   H N N 24 
MET HA   H N N 25 
MET HB2  H N N 26 
MET HB3  H N N 27 
MET HG2  H N N 28 
MET HG3  H N N 29 
MET HE1  H N N 30 
MET HE2  H N N 31 
MET HE3  H N N 32 
MET HXT  H N N 33 
VAL N    N N N 34 
VAL CA   C N S 35 
VAL C    C N N 36 
VAL O    O N N 37 
VAL CB   C N N 38 
VAL CG1  C N N 39 
VAL CG2  C N N 40 
VAL OXT  O N N 41 
VAL H    H N N 42 
VAL H2   H N N 43 
VAL HA   H N N 44 
VAL HB   H N N 45 
VAL HG11 H N N 46 
VAL HG12 H N N 47 
VAL HG13 H N N 48 
VAL HG21 H N N 49 
VAL HG22 H N N 50 
VAL HG23 H N N 51 
VAL HXT  H N N 52 
YWK C01  C N N 53 
YWK C02  C N N 54 
YWK C03  C N N 55 
YWK F01  F N N 56 
YWK F02  F N N 57 
YWK F03  F N N 58 
YWK F04  F N N 59 
YWK F05  F N N 60 
YWK O01  O N N 61 
YWK O02  O N N 62 
YWK H1   H N N 63 
# 
loop_
_chem_comp_bond.comp_id 
_chem_comp_bond.atom_id_1 
_chem_comp_bond.atom_id_2 
_chem_comp_bond.value_order 
_chem_comp_bond.pdbx_aromatic_flag 
_chem_comp_bond.pdbx_stereo_config 
_chem_comp_bond.pdbx_ordinal 
GLY N   CA   sing N N 1  
GLY N   H    sing N N 2  
GLY N   H2   sing N N 3  
GLY CA  C    sing N N 4  
GLY CA  HA2  sing N N 5  
GLY CA  HA3  sing N N 6  
GLY C   O    doub N N 7  
GLY C   OXT  sing N N 8  
GLY OXT HXT  sing N N 9  
HOH O   H1   sing N N 10 
HOH O   H2   sing N N 11 
MET N   CA   sing N N 12 
MET N   H    sing N N 13 
MET N   H2   sing N N 14 
MET CA  C    sing N N 15 
MET CA  CB   sing N N 16 
MET CA  HA   sing N N 17 
MET C   O    doub N N 18 
MET C   OXT  sing N N 19 
MET CB  CG   sing N N 20 
MET CB  HB2  sing N N 21 
MET CB  HB3  sing N N 22 
MET CG  SD   sing N N 23 
MET CG  HG2  sing N N 24 
MET CG  HG3  sing N N 25 
MET SD  CE   sing N N 26 
MET CE  HE1  sing N N 27 
MET CE  HE2  sing N N 28 
MET CE  HE3  sing N N 29 
MET OXT HXT  sing N N 30 
VAL N   CA   sing N N 31 
VAL N   H    sing N N 32 
VAL N   H2   sing N N 33 
VAL CA  C    sing N N 34 
VAL CA  CB   sing N N 35 
VAL CA  HA   sing N N 36 
VAL C   O    doub N N 37 
VAL C   OXT  sing N N 38 
VAL CB  CG1  sing N N 39 
VAL CB  CG2  sing N N 40 
VAL CB  HB   sing N N 41 
VAL CG1 HG11 sing N N 42 
VAL CG1 HG12 sing N N 43 
VAL CG1 HG13 sing N N 44 
VAL CG2 HG21 sing N N 45 
VAL CG2 HG22 sing N N 46 
VAL CG2 HG23 sing N N 47 
VAL OXT HXT  sing N N 48 
YWK F04 C02  sing N N 49 
YWK F02 C01  sing N N 50 
YWK F03 C02  sing N N 51 
YWK C02 C01  sing N N 52 
YWK C02 F05  sing N N 53 
YWK F01 C01  sing N N 54 
YWK C01 C03  sing N N 55 
YWK C03 O02  doub N N 56 
YWK C03 O01  sing N N 57 
YWK O01 H1   sing N N 58 
# 
_pdbx_audit_support.funding_organization   'National Institutes of Health/National Institute on Aging (NIH/NIA)' 
_pdbx_audit_support.country                'United States' 
_pdbx_audit_support.grant_number           AG074954 
_pdbx_audit_support.ordinal                1 
# 
_pdbx_entity_instance_feature.ordinal        1 
_pdbx_entity_instance_feature.comp_id        YWK 
_pdbx_entity_instance_feature.asym_id        ? 
_pdbx_entity_instance_feature.seq_num        ? 
_pdbx_entity_instance_feature.auth_comp_id   YWK 
_pdbx_entity_instance_feature.auth_asym_id   ? 
_pdbx_entity_instance_feature.auth_seq_num   ? 
_pdbx_entity_instance_feature.feature_type   'SUBJECT OF INVESTIGATION' 
_pdbx_entity_instance_feature.details        ? 
# 
loop_
_pdbx_entity_nonpoly.entity_id 
_pdbx_entity_nonpoly.name 
_pdbx_entity_nonpoly.comp_id 
2 'pentafluoropropanoic acid' YWK 
3 water                       HOH 
# 
_space_group.name_H-M_alt     'P 1 21/c 1' 
_space_group.name_Hall        '-P 2ybc' 
_space_group.IT_number        14 
_space_group.crystal_system   monoclinic 
_space_group.id               1 
# 
